data_7TLZ
#
_entry.id   7TLZ
#
loop_
_entity.id
_entity.type
_entity.pdbx_description
1 polymer 'S2L20 Fab light chain'
2 polymer 'S2L20 Fab heavy chain'
3 polymer 'Spike glycoprotein'
4 non-polymer 2-acetamido-2-deoxy-beta-D-glucopyranose
#
loop_
_entity_poly.entity_id
_entity_poly.type
_entity_poly.pdbx_seq_one_letter_code
_entity_poly.pdbx_strand_id
1 'polypeptide(L)'
;VIWMTQSPSSLSASVGDRVTITCQASQDIRFYLNWYQQKPGKAPKLLISDASNMETGVPSRFSGSGSGTDFTFTISSLQP
EDIATYYCQQYDNLPFTFGPGTKVDFK
;
A
2 'polypeptide(L)'
;EVQLVESGGGVVQPGGSLRLSCAASGFTFNSYGMHWVRQAPGKGLEWVAFIRYDGGNKYYADSVKGRFTISRDNSKNTLY
LQMKSLRAEDTAVYYCANLKDSRYSGSYYDYWGQGTLVTVSS
;
B
3 'polypeptide(L)'
;MFVFLVLLPLVSSQCVNLTTRTQLPPAYTNSFTRGVYYPDKVFRSSVLHSTQDLFLPFFSNVTWFHVISGTNGTKRFDNP
VLPFNDGVYFASIEKSNIIRGWIFGTTLDSKTQSLLIVNNATNVVIKVCEFQFCNDPFLDHKNNKSWMESEFRVYSSANN
CTFEYVSQPFLMDLEGKQGNFKNLREFVFKNIDGYFKIYSKHTPIIVREPEDLPQGFSALEPLVDLPIGINITRFQTLLA
LHRSYLTPGDSSSGWTAGAAAYYVGYLQPRTFLLKYNENGTITDAVDCALDPLSETKCTLKSFTVEKGIYQTSNFRVQPT
ESIVRFPNITNLCPFDEVFNATRFASVYAWNRKRISNCVADYSVLYNLAPFFTFKCYGVSPTKLNDLCFTNVYADSFVIR
GDEVRQIAPGQTGNIADYNYKLPDDFTGCVIAWNSNKLDSKVSGNYNYLYRLFRKSNLKPFERDISTEIYQAGNKPCNGV
AGFNCYFPLRSYSFRPTYGVGHQPYRVVVLSFELLHAPATVCGPKKSTNLVKNKCVNFNFNGLKGTGVLTESNKKFLPFQ
QFGRDIADTTDAVRDPQTLEILDITPCSFGGVSVITPGTNTSNQVAVLYQGVNCTEVPVAIHADQLTPTWRVYSTGSNVF
QTRAGCLIGAEYVNNSYECDIPIGAGICASYQTQTKSHSGAGSVASQSIIAYTMSLGAENSVACSNNSIAIPTNFTISVT
TEILPVSMTKTSVDCTMYICGDSTECSNLLLQYGSFCTQLKRALTGIAVEQDKNTQEVFAQVKQIYKTPPIKYFGGFNFS
QILPDPSKPSKRSPIEDLLFNKVTLADAGFIKQYGDCLGDIAARDLICAQKFKGLTVLPPLLTDEMIAQYTSALLAGTIC
SGWTFGAGPALQIPFPMQMAYRFNGIGVTQNVLYENQKLIANQFNSAIGKIQDSLSSTPSALGKLQDVVNHNAQALNTLV
KQLSSKFGAISSVLNDIFSRLDKPEAEVQIDRLITGRLQSLQTYVTQQLIRAAEIRASANLAATKMSECVLGQSKRVDFC
GKGYHLMSFPQSAPHGVVFLHVTYVPAQEKNFTTAPAICHDGKAHFPREGVFVSNGTHWFVTQRNFYEPQIITTDNTFVS
GNCDVVIGIVNNTVYDPLQPELDSFKEELDKYFKNHTSPDVDLGDISGINASVVNIQKEIDRLNEVAKNLNESLIDLQEL
GKYEQGSGYIPEAPRDGQAYVRKDGEWVLLSTFLGRSLEVLFQGPGSGGLNDIFEAQKIEWHEGSGHHHHHHHH
;
J
#
loop_
_chem_comp.id
_chem_comp.type
_chem_comp.name
_chem_comp.formula
NAG D-saccharide, beta linking 2-acetamido-2-deoxy-beta-D-glucopyranose 'C8 H15 N O6'
#
# COMPACT_ATOMS: atom_id res chain seq x y z
N VAL A 1 20.13 9.75 9.45
CA VAL A 1 19.04 9.98 10.40
C VAL A 1 18.67 11.47 10.41
N ILE A 2 17.36 11.76 10.28
CA ILE A 2 16.83 13.12 10.28
C ILE A 2 16.34 13.56 11.64
N TRP A 3 16.80 14.71 12.10
CA TRP A 3 16.37 15.22 13.38
C TRP A 3 15.11 16.06 13.27
N MET A 4 14.19 15.87 14.22
CA MET A 4 12.96 16.64 14.23
C MET A 4 12.87 17.46 15.50
N THR A 5 12.37 18.67 15.38
CA THR A 5 12.16 19.51 16.55
C THR A 5 10.86 20.29 16.42
N GLN A 6 10.30 20.73 17.54
CA GLN A 6 9.05 21.49 17.53
C GLN A 6 9.10 22.66 18.51
N SER A 7 8.38 23.73 18.17
CA SER A 7 8.35 24.92 19.02
C SER A 7 7.02 25.66 18.93
N PRO A 8 6.51 26.12 20.07
CA PRO A 8 7.02 26.00 21.43
C PRO A 8 6.77 24.61 21.95
N SER A 9 7.43 24.23 23.04
CA SER A 9 7.20 22.92 23.65
C SER A 9 5.86 22.86 24.34
N SER A 10 5.39 24.02 24.78
CA SER A 10 4.09 24.15 25.42
C SER A 10 3.53 25.54 25.16
N LEU A 11 2.21 25.61 24.97
CA LEU A 11 1.56 26.88 24.74
C LEU A 11 0.22 26.98 25.48
N SER A 12 -0.12 28.19 25.90
CA SER A 12 -1.40 28.44 26.55
C SER A 12 -2.33 29.26 25.69
N ALA A 13 -3.53 28.73 25.45
CA ALA A 13 -4.51 29.40 24.61
C ALA A 13 -5.91 29.10 25.11
N SER A 14 -6.83 30.04 24.87
CA SER A 14 -8.22 29.90 25.28
C SER A 14 -9.10 29.49 24.11
N VAL A 15 -10.35 29.16 24.40
CA VAL A 15 -11.26 28.78 23.34
C VAL A 15 -11.56 29.99 22.47
N GLY A 16 -11.42 29.80 21.16
CA GLY A 16 -11.64 30.86 20.20
C GLY A 16 -10.32 31.45 19.69
N ASP A 17 -9.22 31.17 20.39
CA ASP A 17 -7.91 31.68 20.02
C ASP A 17 -7.31 30.91 18.85
N ARG A 18 -6.40 31.57 18.11
CA ARG A 18 -5.67 30.90 17.05
C ARG A 18 -4.39 30.27 17.58
N VAL A 19 -4.17 29.02 17.24
CA VAL A 19 -3.00 28.29 17.72
C VAL A 19 -2.13 27.80 16.58
N THR A 20 -0.84 28.10 16.66
CA THR A 20 0.10 27.65 15.64
C THR A 20 1.24 26.88 16.27
N ILE A 21 1.61 25.78 15.62
CA ILE A 21 2.73 24.97 16.07
C ILE A 21 3.79 24.83 14.97
N THR A 22 5.05 25.11 15.31
CA THR A 22 6.10 25.01 14.31
C THR A 22 6.87 23.70 14.44
N CYS A 23 7.03 23.01 13.32
CA CYS A 23 7.90 21.83 13.21
C CYS A 23 9.06 22.15 12.32
N GLN A 24 10.25 21.69 12.69
CA GLN A 24 11.41 21.90 11.83
C GLN A 24 12.25 20.64 11.67
N ALA A 25 12.61 20.33 10.44
CA ALA A 25 13.43 19.17 10.12
C ALA A 25 14.87 19.59 9.83
N SER A 26 15.82 18.78 10.30
CA SER A 26 17.25 19.04 10.11
C SER A 26 17.68 18.81 8.66
N GLN A 27 16.82 18.15 7.91
CA GLN A 27 17.07 17.86 6.50
C GLN A 27 15.83 18.16 5.67
N ASP A 28 16.03 18.43 4.39
CA ASP A 28 14.91 18.70 3.48
C ASP A 28 14.11 17.43 3.23
N ILE A 29 12.84 17.44 3.65
CA ILE A 29 11.96 16.29 3.50
C ILE A 29 10.80 16.63 2.59
N ARG A 30 10.99 17.64 1.75
CA ARG A 30 9.99 18.05 0.78
C ARG A 30 8.61 18.18 1.42
N PHE A 31 7.68 17.32 1.03
CA PHE A 31 6.31 17.40 1.54
C PHE A 31 5.85 16.10 2.18
N TYR A 32 6.77 15.37 2.78
CA TYR A 32 6.44 14.09 3.39
C TYR A 32 6.40 14.16 4.91
N LEU A 33 5.48 14.97 5.42
CA LEU A 33 5.30 15.12 6.87
C LEU A 33 3.88 14.75 7.30
N ASN A 34 3.77 13.98 8.38
CA ASN A 34 2.48 13.66 8.98
C ASN A 34 2.26 14.44 10.28
N TRP A 35 1.04 14.88 10.53
CA TRP A 35 0.70 15.49 11.82
C TRP A 35 -0.26 14.62 12.61
N TYR A 36 0.10 14.34 13.86
CA TYR A 36 -0.69 13.50 14.76
C TYR A 36 -1.17 14.27 15.98
N GLN A 37 -2.34 13.90 16.48
CA GLN A 37 -2.87 14.44 17.72
C GLN A 37 -3.10 13.34 18.74
N GLN A 38 -2.49 13.45 19.91
CA GLN A 38 -2.64 12.42 20.92
C GLN A 38 -3.26 12.93 22.21
N LYS A 39 -4.39 12.32 22.58
CA LYS A 39 -5.02 12.58 23.86
C LYS A 39 -4.50 11.57 24.87
N PRO A 40 -4.42 11.92 26.16
CA PRO A 40 -3.95 11.07 27.23
C PRO A 40 -4.66 9.72 27.23
N GLY A 41 -3.88 8.65 27.27
CA GLY A 41 -4.41 7.29 27.36
C GLY A 41 -4.80 6.70 26.00
N LYS A 42 -4.65 7.47 24.93
CA LYS A 42 -5.07 6.99 23.62
C LYS A 42 -3.91 6.93 22.62
N ALA A 43 -4.07 6.09 21.60
CA ALA A 43 -3.14 6.06 20.49
C ALA A 43 -3.26 7.37 19.70
N PRO A 44 -2.18 7.82 19.05
CA PRO A 44 -2.13 8.98 18.16
C PRO A 44 -3.10 8.87 16.99
N LYS A 45 -3.73 9.98 16.64
CA LYS A 45 -4.61 10.05 15.48
C LYS A 45 -4.01 10.94 14.40
N LEU A 46 -4.02 10.47 13.16
CA LEU A 46 -3.49 11.26 12.05
C LEU A 46 -4.49 12.32 11.61
N LEU A 47 -4.04 13.57 11.51
CA LEU A 47 -4.89 14.65 11.03
C LEU A 47 -4.50 15.12 9.64
N ILE A 48 -3.20 15.26 9.41
CA ILE A 48 -2.70 15.78 8.14
C ILE A 48 -1.63 14.89 7.55
N SER A 49 -1.72 14.62 6.26
CA SER A 49 -0.73 13.84 5.55
C SER A 49 -0.11 14.61 4.38
N ASP A 50 1.09 14.22 3.99
CA ASP A 50 1.76 14.85 2.87
C ASP A 50 1.77 16.37 3.03
N ALA A 51 2.09 16.81 4.24
CA ALA A 51 2.24 18.22 4.61
C ALA A 51 0.91 18.96 4.74
N SER A 52 0.04 18.88 3.72
CA SER A 52 -1.14 19.73 3.70
C SER A 52 -2.47 19.02 3.41
N ASN A 53 -2.44 17.72 3.16
CA ASN A 53 -3.69 17.02 2.84
C ASN A 53 -4.44 16.63 4.10
N MET A 54 -5.71 17.00 4.17
CA MET A 54 -6.52 16.69 5.35
C MET A 54 -7.05 15.27 5.26
N GLU A 55 -7.06 14.57 6.38
CA GLU A 55 -7.67 13.24 6.43
C GLU A 55 -9.18 13.34 6.46
N THR A 56 -9.85 12.34 5.92
CA THR A 56 -11.31 12.34 5.91
C THR A 56 -11.85 12.31 7.33
N GLY A 57 -12.78 13.21 7.62
CA GLY A 57 -13.42 13.26 8.92
C GLY A 57 -12.82 14.33 9.82
N VAL A 58 -11.69 14.92 9.40
CA VAL A 58 -11.05 15.96 10.19
C VAL A 58 -11.73 17.32 9.99
N PRO A 59 -12.14 18.00 11.07
CA PRO A 59 -12.79 19.30 11.08
C PRO A 59 -12.02 20.34 10.29
N SER A 60 -12.76 21.20 9.60
CA SER A 60 -12.20 22.22 8.71
C SER A 60 -11.37 23.26 9.43
N ARG A 61 -11.50 23.33 10.74
CA ARG A 61 -10.74 24.29 11.53
C ARG A 61 -9.26 23.92 11.58
N PHE A 62 -8.94 22.68 11.23
CA PHE A 62 -7.56 22.24 11.20
C PHE A 62 -6.95 22.46 9.83
N SER A 63 -5.69 22.85 9.79
CA SER A 63 -4.98 23.02 8.53
C SER A 63 -3.48 22.99 8.74
N GLY A 64 -2.73 22.98 7.66
CA GLY A 64 -1.28 23.05 7.75
C GLY A 64 -0.66 23.24 6.38
N SER A 65 0.61 23.61 6.37
CA SER A 65 1.32 23.88 5.13
C SER A 65 2.83 23.89 5.35
N GLY A 66 3.58 23.97 4.25
CA GLY A 66 5.03 24.10 4.33
C GLY A 66 5.72 23.07 3.47
N SER A 67 7.01 23.31 3.21
CA SER A 67 7.81 22.43 2.39
C SER A 67 9.28 22.59 2.70
N GLY A 68 10.02 21.49 2.62
CA GLY A 68 11.45 21.49 2.84
C GLY A 68 11.77 21.15 4.27
N THR A 69 12.09 22.17 5.05
CA THR A 69 12.48 21.97 6.43
C THR A 69 11.52 22.62 7.41
N ASP A 70 10.77 23.61 6.94
CA ASP A 70 9.92 24.40 7.82
C ASP A 70 8.43 24.16 7.56
N PHE A 71 7.74 23.60 8.56
CA PHE A 71 6.33 23.27 8.41
C PHE A 71 5.50 23.88 9.52
N THR A 72 4.24 24.22 9.22
CA THR A 72 3.35 24.80 10.23
C THR A 72 2.02 24.08 10.34
N PHE A 73 1.58 23.86 11.57
CA PHE A 73 0.26 23.32 11.90
C PHE A 73 -0.58 24.42 12.54
N THR A 74 -1.79 24.64 12.04
CA THR A 74 -2.63 25.71 12.58
C THR A 74 -4.04 25.28 12.94
N ILE A 75 -4.52 25.77 14.09
CA ILE A 75 -5.91 25.68 14.45
C ILE A 75 -6.52 27.07 14.40
N SER A 76 -7.42 27.28 13.45
CA SER A 76 -7.98 28.62 13.21
C SER A 76 -8.77 29.14 14.40
N SER A 77 -9.39 28.23 15.15
CA SER A 77 -10.16 28.61 16.32
C SER A 77 -10.22 27.46 17.32
N LEU A 78 -9.46 27.58 18.40
CA LEU A 78 -9.31 26.50 19.35
C LEU A 78 -10.64 26.14 20.00
N GLN A 79 -10.94 24.85 20.03
CA GLN A 79 -12.12 24.33 20.72
C GLN A 79 -11.69 23.64 22.01
N PRO A 80 -12.59 23.45 22.98
CA PRO A 80 -12.37 22.72 24.23
C PRO A 80 -12.01 21.26 23.97
N GLU A 81 -12.30 20.78 22.77
CA GLU A 81 -11.99 19.40 22.40
C GLU A 81 -10.60 19.26 21.77
N ASP A 82 -9.90 20.38 21.64
CA ASP A 82 -8.61 20.40 20.96
C ASP A 82 -7.43 20.49 21.92
N ILE A 83 -7.63 20.00 23.14
CA ILE A 83 -6.54 19.99 24.11
C ILE A 83 -5.84 18.65 24.07
N ALA A 84 -4.63 18.64 23.52
CA ALA A 84 -3.91 17.41 23.23
C ALA A 84 -2.44 17.72 23.00
N THR A 85 -1.63 16.67 22.88
CA THR A 85 -0.23 16.86 22.49
C THR A 85 -0.09 16.59 21.00
N TYR A 86 0.49 17.54 20.28
CA TYR A 86 0.63 17.41 18.84
C TYR A 86 2.05 17.03 18.42
N TYR A 87 2.14 16.02 17.56
CA TYR A 87 3.43 15.53 17.08
C TYR A 87 3.53 15.62 15.56
N CYS A 88 4.73 15.92 15.05
CA CYS A 88 5.03 15.80 13.62
C CYS A 88 5.94 14.60 13.37
N GLN A 89 5.76 13.94 12.23
CA GLN A 89 6.55 12.76 11.90
C GLN A 89 6.97 12.77 10.43
N GLN A 90 8.24 12.47 10.19
CA GLN A 90 8.74 12.43 8.81
C GLN A 90 8.83 11.02 8.29
N TYR A 91 8.46 10.84 7.02
CA TYR A 91 8.56 9.56 6.35
C TYR A 91 9.25 9.69 5.00
N ASP A 92 10.19 10.62 4.92
CA ASP A 92 10.98 10.79 3.70
C ASP A 92 11.97 9.67 3.56
N ASN A 93 12.56 9.25 4.68
CA ASN A 93 13.45 8.10 4.65
C ASN A 93 13.50 7.36 5.97
N LEU A 94 13.99 6.13 5.93
CA LEU A 94 14.12 5.31 7.11
C LEU A 94 15.47 5.55 7.78
N PRO A 95 15.49 5.52 9.11
CA PRO A 95 14.40 5.31 10.05
C PRO A 95 13.46 6.51 10.10
N PHE A 96 12.18 6.24 10.39
CA PHE A 96 11.19 7.31 10.56
C PHE A 96 11.35 7.92 11.94
N THR A 97 11.02 9.19 12.07
CA THR A 97 11.19 9.87 13.35
C THR A 97 10.03 10.76 13.72
N PHE A 98 9.79 10.89 15.02
CA PHE A 98 8.75 11.77 15.56
C PHE A 98 9.40 12.96 16.28
N GLY A 99 8.73 14.11 16.28
CA GLY A 99 9.22 15.26 17.02
C GLY A 99 8.93 15.13 18.51
N PRO A 100 9.49 16.02 19.34
CA PRO A 100 9.35 16.09 20.79
C PRO A 100 7.89 16.12 21.26
N GLY A 101 7.04 16.77 20.50
CA GLY A 101 5.63 16.89 20.87
C GLY A 101 5.34 18.25 21.50
N THR A 102 4.23 18.86 21.10
CA THR A 102 3.84 20.17 21.62
C THR A 102 2.58 20.08 22.47
N LYS A 103 2.66 20.58 23.70
CA LYS A 103 1.53 20.52 24.62
C LYS A 103 0.63 21.74 24.50
N VAL A 104 -0.63 21.52 24.11
CA VAL A 104 -1.64 22.58 24.02
C VAL A 104 -2.53 22.54 25.25
N GLU B 1 -14.70 -4.28 10.99
CA GLU B 1 -13.88 -3.17 11.48
C GLU B 1 -12.42 -3.60 11.63
N VAL B 2 -11.50 -2.65 11.40
CA VAL B 2 -10.06 -2.92 11.50
C VAL B 2 -9.58 -2.84 12.94
N GLN B 3 -8.87 -3.89 13.36
CA GLN B 3 -8.42 -3.96 14.78
C GLN B 3 -7.03 -4.58 14.90
N LEU B 4 -6.12 -3.93 15.62
CA LEU B 4 -4.77 -4.41 15.87
C LEU B 4 -4.64 -4.65 17.37
N VAL B 5 -4.35 -5.89 17.76
CA VAL B 5 -4.32 -6.24 19.17
C VAL B 5 -2.97 -6.75 19.63
N GLU B 6 -2.34 -5.99 20.52
CA GLU B 6 -1.05 -6.38 21.07
C GLU B 6 -1.23 -7.30 22.27
N SER B 7 -0.27 -8.20 22.45
CA SER B 7 -0.23 -9.06 23.62
C SER B 7 1.19 -9.55 23.87
N GLY B 8 1.43 -10.15 25.05
CA GLY B 8 2.74 -10.68 25.38
C GLY B 8 3.54 -9.73 26.27
N GLY B 9 2.89 -8.73 26.83
CA GLY B 9 3.58 -7.79 27.71
C GLY B 9 3.80 -8.41 29.08
N GLY B 10 4.28 -7.62 30.04
CA GLY B 10 4.58 -8.15 31.36
C GLY B 10 5.84 -7.55 31.95
N VAL B 11 6.36 -8.20 32.99
CA VAL B 11 7.54 -7.71 33.70
C VAL B 11 8.70 -8.69 33.56
N VAL B 12 9.86 -8.18 33.13
CA VAL B 12 11.05 -9.01 32.99
C VAL B 12 12.25 -8.39 33.67
N GLN B 13 13.31 -9.18 33.85
CA GLN B 13 14.54 -8.68 34.43
C GLN B 13 15.50 -8.16 33.36
N PRO B 14 16.38 -7.20 33.70
CA PRO B 14 17.43 -6.67 32.87
C PRO B 14 18.31 -7.79 32.33
N GLY B 15 18.59 -7.74 31.03
CA GLY B 15 19.40 -8.75 30.38
C GLY B 15 18.54 -9.91 29.87
N GLY B 16 17.27 -9.88 30.22
CA GLY B 16 16.34 -10.94 29.83
C GLY B 16 15.75 -10.68 28.46
N SER B 17 14.68 -11.39 28.12
CA SER B 17 14.07 -11.27 26.81
C SER B 17 12.55 -11.41 26.89
N LEU B 18 11.88 -10.90 25.87
CA LEU B 18 10.43 -10.95 25.79
C LEU B 18 9.96 -10.89 24.34
N ARG B 19 9.03 -11.75 23.98
CA ARG B 19 8.49 -11.75 22.62
C ARG B 19 7.07 -11.20 22.59
N LEU B 20 6.88 -10.12 21.83
CA LEU B 20 5.57 -9.49 21.70
C LEU B 20 4.93 -9.90 20.39
N SER B 21 3.61 -9.83 20.32
CA SER B 21 2.93 -10.13 19.08
C SER B 21 1.72 -9.20 18.90
N CYS B 22 1.34 -9.01 17.64
CA CYS B 22 0.18 -8.19 17.25
C CYS B 22 -0.69 -8.94 16.27
N ALA B 23 -1.95 -9.13 16.63
CA ALA B 23 -2.91 -9.82 15.78
C ALA B 23 -3.66 -8.82 14.92
N ALA B 24 -3.65 -9.03 13.62
CA ALA B 24 -4.32 -8.09 12.71
C ALA B 24 -5.54 -8.72 12.08
N SER B 25 -6.59 -7.91 11.91
CA SER B 25 -7.80 -8.34 11.24
C SER B 25 -8.57 -7.16 10.64
N GLY B 26 -9.45 -7.44 9.69
CA GLY B 26 -10.31 -6.41 9.09
C GLY B 26 -9.70 -5.77 7.85
N PHE B 27 -8.48 -6.16 7.50
CA PHE B 27 -7.82 -5.61 6.34
C PHE B 27 -6.82 -6.58 5.74
N THR B 28 -6.34 -6.26 4.55
CA THR B 28 -5.43 -7.11 3.82
C THR B 28 -4.01 -7.04 4.38
N PHE B 29 -3.83 -7.60 5.56
CA PHE B 29 -2.56 -7.56 6.30
C PHE B 29 -1.39 -7.95 5.42
N ASN B 30 -1.56 -8.96 4.58
CA ASN B 30 -0.45 -9.53 3.84
C ASN B 30 0.01 -8.70 2.65
N SER B 31 -0.61 -7.54 2.44
CA SER B 31 -0.19 -6.66 1.36
C SER B 31 0.46 -5.38 1.89
N TYR B 32 0.43 -5.20 3.21
CA TYR B 32 0.93 -3.98 3.84
C TYR B 32 2.18 -4.25 4.66
N GLY B 33 3.06 -3.24 4.74
CA GLY B 33 4.18 -3.29 5.68
C GLY B 33 3.67 -2.92 7.07
N MET B 34 4.47 -3.16 8.09
CA MET B 34 4.06 -2.85 9.47
C MET B 34 5.18 -2.21 10.27
N HIS B 35 4.80 -1.38 11.23
CA HIS B 35 5.74 -0.68 12.09
C HIS B 35 5.53 -1.00 13.56
N TRP B 36 6.61 -0.89 14.34
CA TRP B 36 6.49 -0.86 15.79
C TRP B 36 6.90 0.50 16.30
N VAL B 37 6.09 1.04 17.22
CA VAL B 37 6.34 2.33 17.86
C VAL B 37 6.15 2.17 19.36
N ARG B 38 7.04 2.77 20.16
CA ARG B 38 6.88 2.67 21.61
C ARG B 38 6.81 4.04 22.25
N GLN B 39 6.15 4.11 23.39
CA GLN B 39 6.06 5.36 24.14
C GLN B 39 6.25 5.14 25.62
N ALA B 40 7.35 5.65 26.16
CA ALA B 40 7.61 5.53 27.59
C ALA B 40 6.81 6.59 28.33
N PRO B 41 6.39 6.33 29.56
CA PRO B 41 5.73 7.27 30.44
C PRO B 41 6.53 8.55 30.53
N GLY B 42 5.88 9.69 30.29
CA GLY B 42 6.52 10.99 30.37
C GLY B 42 7.24 11.40 29.09
N LYS B 43 7.23 10.53 28.07
CA LYS B 43 7.95 10.81 26.83
C LYS B 43 7.02 10.81 25.62
N GLY B 44 7.57 11.21 24.46
CA GLY B 44 6.81 11.24 23.22
C GLY B 44 6.92 9.91 22.49
N LEU B 45 6.60 9.91 21.20
CA LEU B 45 6.57 8.69 20.41
C LEU B 45 7.93 8.36 19.82
N GLU B 46 8.34 7.11 19.95
CA GLU B 46 9.62 6.67 19.41
C GLU B 46 9.45 5.51 18.43
N TRP B 47 9.95 5.69 17.21
CA TRP B 47 9.86 4.65 16.20
C TRP B 47 10.88 3.55 16.47
N VAL B 48 10.46 2.29 16.31
CA VAL B 48 11.34 1.17 16.64
C VAL B 48 11.77 0.33 15.43
N ALA B 49 10.81 -0.14 14.65
CA ALA B 49 11.16 -1.06 13.54
C ALA B 49 10.10 -1.08 12.44
N PHE B 50 10.52 -1.54 11.26
CA PHE B 50 9.62 -1.69 10.10
C PHE B 50 9.95 -2.92 9.27
N ILE B 51 8.91 -3.63 8.84
CA ILE B 51 9.07 -4.79 7.97
C ILE B 51 8.16 -4.68 6.74
N ARG B 52 8.67 -5.08 5.58
CA ARG B 52 7.89 -5.02 4.35
C ARG B 52 6.85 -6.13 4.28
N TYR B 53 5.88 -5.95 3.37
CA TYR B 53 4.75 -6.87 3.21
C TYR B 53 5.15 -8.32 2.97
N ASP B 54 6.29 -8.53 2.32
CA ASP B 54 6.69 -9.90 1.97
C ASP B 54 7.52 -10.55 3.06
N GLY B 55 7.71 -9.84 4.17
CA GLY B 55 8.53 -10.35 5.24
C GLY B 55 10.00 -10.40 4.82
N GLY B 56 10.36 -9.54 3.86
CA GLY B 56 11.70 -9.54 3.31
C GLY B 56 12.60 -8.53 4.02
N ASN B 57 12.64 -7.31 3.49
CA ASN B 57 13.53 -6.29 4.04
C ASN B 57 13.07 -5.84 5.42
N LYS B 58 14.04 -5.63 6.30
CA LYS B 58 13.77 -5.22 7.66
C LYS B 58 14.61 -4.02 8.05
N TYR B 59 14.02 -3.09 8.78
CA TYR B 59 14.71 -1.88 9.20
C TYR B 59 14.55 -1.68 10.70
N TYR B 60 15.58 -1.14 11.34
CA TYR B 60 15.53 -0.92 12.79
C TYR B 60 16.03 0.46 13.17
N ALA B 61 15.47 0.99 14.25
CA ALA B 61 16.00 2.21 14.85
C ALA B 61 17.39 1.94 15.41
N SER B 63 18.64 2.78 18.07
CA SER B 63 18.62 2.55 19.51
C SER B 63 18.34 1.09 19.88
N VAL B 64 17.83 0.32 18.92
CA VAL B 64 17.49 -1.09 19.18
C VAL B 64 18.20 -2.04 18.21
N LYS B 65 18.78 -1.50 17.15
CA LYS B 65 19.41 -2.34 16.14
C LYS B 65 20.44 -3.26 16.78
N GLY B 66 20.33 -4.55 16.47
CA GLY B 66 21.26 -5.56 17.00
C GLY B 66 20.68 -6.28 18.22
N ARG B 67 19.61 -5.73 18.80
CA ARG B 67 18.98 -6.34 19.95
C ARG B 67 17.57 -6.82 19.62
N PHE B 68 16.84 -6.04 18.84
CA PHE B 68 15.45 -6.37 18.51
C PHE B 68 15.36 -6.97 17.12
N THR B 69 14.48 -7.98 16.96
CA THR B 69 14.22 -8.57 15.65
C THR B 69 12.75 -8.47 15.29
N ILE B 70 12.47 -8.03 14.06
CA ILE B 70 11.10 -7.91 13.59
C ILE B 70 10.82 -9.01 12.59
N SER B 71 9.64 -9.62 12.69
CA SER B 71 9.24 -10.66 11.75
C SER B 71 7.73 -10.75 11.66
N ARG B 72 7.23 -11.47 10.66
CA ARG B 72 5.79 -11.61 10.48
C ARG B 72 5.43 -12.95 9.88
N ASP B 73 4.20 -13.39 10.13
CA ASP B 73 3.66 -14.58 9.51
C ASP B 73 2.34 -14.27 8.81
N ASN B 74 2.36 -14.23 7.49
CA ASN B 74 1.21 -13.78 6.70
C ASN B 74 0.11 -14.83 6.61
N SER B 75 0.38 -16.03 7.10
CA SER B 75 -0.66 -17.06 7.10
C SER B 75 -1.49 -17.00 8.37
N LYS B 76 -1.02 -16.23 9.36
CA LYS B 76 -1.71 -16.11 10.64
C LYS B 76 -2.11 -14.65 10.88
N ASN B 77 -1.77 -13.79 9.93
CA ASN B 77 -1.98 -12.35 10.08
C ASN B 77 -1.37 -11.83 11.39
N THR B 78 -0.16 -12.28 11.70
CA THR B 78 0.45 -11.89 12.97
C THR B 78 1.83 -11.26 12.78
N LEU B 79 2.03 -10.14 13.47
CA LEU B 79 3.31 -9.42 13.48
C LEU B 79 4.03 -9.70 14.79
N TYR B 80 5.32 -9.98 14.74
CA TYR B 80 6.09 -10.29 15.94
C TYR B 80 7.25 -9.33 16.18
N LEU B 81 7.59 -9.13 17.45
CA LEU B 81 8.80 -8.41 17.84
C LEU B 81 9.54 -9.17 18.93
N GLN B 82 10.74 -9.62 18.63
CA GLN B 82 11.55 -10.36 19.58
C GLN B 82 12.60 -9.47 20.20
N MET B 83 12.50 -9.23 21.50
CA MET B 83 13.42 -8.32 22.16
C MET B 83 14.39 -9.08 23.05
N LYS B 84 15.68 -8.94 22.74
CA LYS B 84 16.71 -9.58 23.56
C LYS B 84 17.54 -8.53 24.28
N SER B 85 18.20 -8.94 25.36
CA SER B 85 19.06 -8.04 26.12
C SER B 85 18.33 -6.75 26.49
N LEU B 86 17.16 -6.89 27.09
CA LEU B 86 16.35 -5.75 27.50
C LEU B 86 17.00 -4.93 28.62
N ARG B 87 16.86 -3.62 28.52
CA ARG B 87 17.43 -2.69 29.50
C ARG B 87 16.32 -1.91 30.21
N ALA B 88 16.67 -1.27 31.32
CA ALA B 88 15.69 -0.48 32.07
C ALA B 88 15.09 0.62 31.19
N GLU B 89 15.89 1.15 30.29
CA GLU B 89 15.47 2.23 29.41
C GLU B 89 14.46 1.80 28.36
N ASP B 90 14.23 0.49 28.25
CA ASP B 90 13.29 -0.03 27.27
C ASP B 90 11.88 -0.12 27.82
N THR B 91 11.68 0.33 29.06
CA THR B 91 10.34 0.31 29.63
C THR B 91 9.44 1.27 28.87
N ALA B 92 8.36 0.75 28.31
CA ALA B 92 7.47 1.56 27.48
C ALA B 92 6.22 0.78 27.13
N VAL B 93 5.22 1.49 26.60
CA VAL B 93 4.09 0.84 25.99
C VAL B 93 4.36 0.63 24.51
N TYR B 94 4.32 -0.61 24.06
CA TYR B 94 4.63 -0.94 22.68
C TYR B 94 3.38 -1.05 21.84
N TYR B 95 3.35 -0.31 20.74
CA TYR B 95 2.24 -0.32 19.80
C TYR B 95 2.67 -0.96 18.47
N CYS B 96 1.74 -1.68 17.83
CA CYS B 96 1.88 -2.06 16.42
C CYS B 96 1.04 -1.09 15.60
N ALA B 97 1.53 -0.74 14.42
CA ALA B 97 0.82 0.25 13.62
C ALA B 97 1.06 0.10 12.13
N ASN B 98 0.12 0.62 11.37
CA ASN B 98 0.25 0.76 9.92
C ASN B 98 0.23 2.24 9.58
N LEU B 99 1.42 2.83 9.40
CA LEU B 99 1.51 4.28 9.29
C LEU B 99 1.35 4.73 7.84
N LYS B 100 0.51 5.75 7.63
CA LYS B 100 0.28 6.23 6.27
C LYS B 100 1.59 6.74 5.66
N ASP B 101 1.93 6.19 4.50
CA ASP B 101 3.26 6.36 3.92
C ASP B 101 3.25 6.28 2.39
N SER B 102 3.42 7.41 1.73
CA SER B 102 3.34 7.49 0.27
C SER B 102 4.63 7.07 -0.43
N ARG B 103 5.69 6.83 0.34
CA ARG B 103 6.98 6.55 -0.29
C ARG B 103 7.45 5.12 -0.21
N TYR B 104 7.20 4.45 0.91
CA TYR B 104 7.79 3.12 1.10
C TYR B 104 6.73 2.02 1.15
N SER B 105 5.87 2.03 2.17
CA SER B 105 4.85 0.98 2.23
C SER B 105 3.72 1.24 1.25
N GLY B 106 3.40 2.52 1.03
CA GLY B 106 2.35 2.89 0.09
C GLY B 106 0.97 2.89 0.75
N SER B 107 0.92 2.66 2.05
CA SER B 107 -0.35 2.58 2.76
C SER B 107 -1.12 3.90 2.66
N TYR B 108 -2.41 3.79 2.37
CA TYR B 108 -3.28 4.96 2.24
C TYR B 108 -4.12 5.17 3.49
N TYR B 109 -3.99 4.25 4.43
CA TYR B 109 -4.79 4.29 5.65
C TYR B 109 -3.89 4.18 6.88
N ASP B 110 -4.29 4.83 7.96
CA ASP B 110 -3.46 4.86 9.18
C ASP B 110 -4.16 4.11 10.31
N TYR B 111 -3.54 3.02 10.78
CA TYR B 111 -4.13 2.20 11.84
C TYR B 111 -3.19 2.04 13.03
N TRP B 112 -3.75 2.04 14.24
CA TRP B 112 -2.98 1.80 15.46
C TRP B 112 -3.67 0.78 16.36
N GLY B 113 -2.86 0.07 17.15
CA GLY B 113 -3.40 -0.82 18.17
C GLY B 113 -3.62 -0.08 19.48
N GLN B 114 -3.69 -0.82 20.59
CA GLN B 114 -3.96 -0.21 21.89
C GLN B 114 -2.69 -0.10 22.70
N GLY B 115 -1.75 -0.99 22.42
CA GLY B 115 -0.45 -0.97 23.08
C GLY B 115 -0.40 -1.95 24.25
N THR B 116 0.78 -2.52 24.47
CA THR B 116 1.01 -3.41 25.61
C THR B 116 2.23 -2.95 26.40
N LEU B 117 2.13 -3.01 27.73
CA LEU B 117 3.20 -2.48 28.57
C LEU B 117 4.28 -3.51 28.87
N VAL B 118 5.52 -3.12 28.62
CA VAL B 118 6.68 -3.92 28.96
C VAL B 118 7.55 -3.22 29.99
N THR B 119 7.74 -3.87 31.14
CA THR B 119 8.54 -3.29 32.22
C THR B 119 9.80 -4.10 32.45
N VAL B 120 10.93 -3.40 32.52
CA VAL B 120 12.20 -4.06 32.78
C VAL B 120 12.74 -3.64 34.14
N SER B 121 12.82 -4.59 35.07
CA SER B 121 13.23 -4.34 36.45
C SER B 121 13.46 -5.66 37.20
N GLN C 14 -15.74 18.81 -12.83
CA GLN C 14 -16.24 18.91 -11.45
C GLN C 14 -16.26 17.54 -10.76
N CYS C 15 -15.48 17.46 -9.66
CA CYS C 15 -15.41 16.24 -8.85
C CYS C 15 -16.71 16.03 -8.07
N VAL C 16 -17.21 14.80 -8.11
CA VAL C 16 -18.45 14.42 -7.45
C VAL C 16 -18.17 13.34 -6.39
N ASN C 17 -18.51 13.67 -5.13
CA ASN C 17 -18.25 12.70 -4.02
C ASN C 17 -19.38 11.74 -3.89
N LEU C 18 -19.16 10.49 -4.35
CA LEU C 18 -20.16 9.44 -4.39
C LEU C 18 -20.37 8.83 -3.01
N ARG C 21 -20.49 6.23 1.12
CA ARG C 21 -20.40 4.78 1.10
C ARG C 21 -19.77 4.25 2.38
N THR C 22 -19.96 2.95 2.64
CA THR C 22 -19.41 2.27 3.80
C THR C 22 -18.16 1.47 3.42
N GLN C 23 -17.40 1.04 4.42
CA GLN C 23 -16.22 0.21 4.16
C GLN C 23 -16.43 -1.22 4.63
N LEU C 24 -16.36 -2.16 3.69
CA LEU C 24 -16.53 -3.57 4.00
C LEU C 24 -15.18 -4.28 4.03
N PRO C 25 -15.05 -5.36 4.79
CA PRO C 25 -13.89 -6.23 4.83
C PRO C 25 -13.73 -6.95 3.49
N PRO C 26 -12.51 -7.27 3.10
CA PRO C 26 -12.12 -7.92 1.87
C PRO C 26 -12.50 -9.39 1.84
N ALA C 27 -12.74 -9.91 0.65
CA ALA C 27 -12.90 -11.35 0.47
C ALA C 27 -11.62 -11.92 -0.11
N TYR C 28 -11.42 -13.22 0.03
CA TYR C 28 -10.24 -13.84 -0.59
C TYR C 28 -10.65 -15.01 -1.47
N THR C 29 -9.88 -15.22 -2.53
CA THR C 29 -10.08 -16.31 -3.47
C THR C 29 -8.77 -17.10 -3.67
N ASN C 30 -8.85 -18.27 -4.28
CA ASN C 30 -7.67 -19.12 -4.45
C ASN C 30 -7.08 -18.91 -5.85
N SER C 31 -5.85 -18.38 -5.92
CA SER C 31 -5.25 -18.07 -7.24
C SER C 31 -5.02 -19.34 -8.05
N PHE C 32 -4.57 -20.39 -7.39
CA PHE C 32 -4.23 -21.66 -8.10
C PHE C 32 -3.15 -21.30 -9.12
N THR C 33 -3.18 -21.98 -10.27
CA THR C 33 -2.08 -21.81 -11.27
C THR C 33 -2.31 -20.74 -12.34
N ARG C 34 -2.13 -19.48 -11.95
CA ARG C 34 -2.33 -18.37 -12.89
C ARG C 34 -1.35 -17.23 -12.64
N GLY C 35 -1.13 -16.40 -13.66
CA GLY C 35 -0.28 -15.22 -13.55
C GLY C 35 1.05 -15.37 -14.28
N VAL C 36 1.18 -16.43 -15.09
CA VAL C 36 2.41 -16.68 -15.84
C VAL C 36 2.40 -15.91 -17.15
N TYR C 37 3.48 -15.19 -17.42
CA TYR C 37 3.61 -14.36 -18.62
C TYR C 37 4.93 -14.66 -19.32
N TYR C 38 5.01 -14.33 -20.59
CA TYR C 38 6.23 -14.57 -21.35
C TYR C 38 7.33 -13.61 -20.89
N PRO C 39 8.40 -14.12 -20.27
CA PRO C 39 9.44 -13.37 -19.59
C PRO C 39 10.22 -12.46 -20.53
N ASP C 40 10.25 -12.81 -21.82
CA ASP C 40 10.96 -12.01 -22.80
C ASP C 40 10.39 -12.20 -24.20
N LYS C 41 10.96 -11.51 -25.18
CA LYS C 41 10.52 -11.61 -26.56
C LYS C 41 11.45 -12.50 -27.37
N VAL C 42 11.59 -13.74 -26.93
CA VAL C 42 12.43 -14.71 -27.61
C VAL C 42 11.66 -15.98 -27.91
N PHE C 43 11.70 -16.42 -29.16
CA PHE C 43 11.01 -17.65 -29.52
C PHE C 43 11.76 -18.88 -29.03
N ARG C 44 11.04 -19.76 -28.37
CA ARG C 44 11.56 -21.04 -27.93
C ARG C 44 10.54 -22.10 -28.22
N SER C 45 10.96 -23.34 -28.46
CA SER C 45 10.01 -24.41 -28.72
C SER C 45 10.54 -25.75 -28.27
N SER C 46 9.62 -26.65 -27.91
CA SER C 46 9.97 -28.01 -27.54
C SER C 46 11.12 -28.02 -26.53
N VAL C 47 10.98 -27.23 -25.47
CA VAL C 47 12.05 -27.07 -24.50
C VAL C 47 11.52 -26.62 -23.14
N LEU C 48 12.20 -27.04 -22.07
CA LEU C 48 11.88 -26.55 -20.73
C LEU C 48 12.90 -25.48 -20.34
N HIS C 49 12.40 -24.29 -20.05
CA HIS C 49 13.27 -23.14 -19.79
C HIS C 49 13.15 -22.65 -18.36
N SER C 50 14.29 -22.50 -17.69
CA SER C 50 14.30 -21.99 -16.32
C SER C 50 14.61 -20.50 -16.29
N THR C 51 13.74 -19.74 -15.64
CA THR C 51 13.90 -18.29 -15.54
C THR C 51 13.56 -17.77 -14.15
N GLN C 52 14.19 -16.67 -13.78
CA GLN C 52 13.88 -15.98 -12.53
C GLN C 52 13.30 -14.60 -12.78
N ASP C 53 12.11 -14.37 -12.27
CA ASP C 53 11.43 -13.10 -12.48
C ASP C 53 10.33 -12.89 -11.46
N LEU C 54 9.63 -11.77 -11.55
CA LEU C 54 8.52 -11.50 -10.66
C LEU C 54 7.26 -12.18 -11.16
N PHE C 55 6.78 -13.15 -10.39
CA PHE C 55 5.57 -13.88 -10.74
C PHE C 55 4.66 -13.92 -9.54
N LEU C 56 3.37 -14.03 -9.77
CA LEU C 56 2.46 -14.27 -8.68
C LEU C 56 2.70 -15.70 -8.19
N PRO C 57 2.97 -15.92 -6.90
CA PRO C 57 3.22 -17.21 -6.30
C PRO C 57 2.08 -18.16 -6.57
N PHE C 58 2.38 -19.44 -6.79
CA PHE C 58 1.30 -20.40 -7.02
C PHE C 58 0.50 -20.67 -5.74
N PHE C 59 -0.80 -20.83 -5.89
CA PHE C 59 -1.72 -21.08 -4.78
C PHE C 59 -1.64 -20.01 -3.70
N SER C 60 -1.65 -18.76 -4.15
CA SER C 60 -1.60 -17.62 -3.25
C SER C 60 -3.01 -17.11 -2.92
N ASN C 61 -3.07 -16.18 -1.94
CA ASN C 61 -4.31 -15.58 -1.48
C ASN C 61 -4.53 -14.23 -2.17
N VAL C 62 -5.60 -14.13 -2.94
CA VAL C 62 -5.87 -12.96 -3.78
C VAL C 62 -7.07 -12.19 -3.26
N THR C 63 -6.92 -10.86 -3.17
CA THR C 63 -7.98 -10.03 -2.60
C THR C 63 -9.09 -9.81 -3.60
N TRP C 64 -10.32 -10.05 -3.16
CA TRP C 64 -11.49 -10.02 -4.00
C TRP C 64 -12.40 -8.83 -3.68
N PHE C 65 -12.58 -7.96 -4.68
CA PHE C 65 -13.39 -6.75 -4.55
C PHE C 65 -14.68 -6.88 -5.36
N HIS C 66 -15.73 -6.18 -4.92
CA HIS C 66 -17.03 -6.25 -5.61
C HIS C 66 -17.52 -4.91 -6.12
N VAL C 67 -18.16 -4.92 -7.28
CA VAL C 67 -18.91 -3.78 -7.81
C VAL C 67 -20.34 -4.22 -8.12
N ILE C 68 -21.27 -3.89 -7.24
CA ILE C 68 -22.64 -4.37 -7.39
C ILE C 68 -23.65 -3.22 -7.39
N SER C 69 -24.43 -3.11 -8.48
CA SER C 69 -25.46 -2.09 -8.65
C SER C 69 -26.38 -2.46 -9.80
N LYS C 75 -25.94 -2.02 -3.35
CA LYS C 75 -25.39 -0.74 -3.81
C LYS C 75 -24.02 -0.48 -3.19
N ARG C 76 -23.00 -1.16 -3.73
CA ARG C 76 -21.63 -1.05 -3.26
C ARG C 76 -20.67 -1.04 -4.44
N PHE C 77 -19.68 -0.16 -4.39
CA PHE C 77 -18.69 -0.08 -5.45
C PHE C 77 -17.29 0.05 -4.88
N ASP C 78 -16.59 -1.08 -4.80
CA ASP C 78 -15.25 -1.06 -4.22
C ASP C 78 -14.26 -0.41 -5.17
N ASN C 79 -13.64 0.66 -4.71
CA ASN C 79 -12.60 1.34 -5.46
C ASN C 79 -11.59 2.05 -4.55
N PRO C 80 -11.01 1.34 -3.57
CA PRO C 80 -10.07 1.83 -2.59
C PRO C 80 -8.72 2.08 -3.24
N VAL C 81 -7.89 2.89 -2.59
CA VAL C 81 -6.53 3.07 -3.03
C VAL C 81 -5.68 1.93 -2.47
N LEU C 82 -5.01 1.20 -3.34
CA LEU C 82 -4.24 0.04 -2.94
C LEU C 82 -2.76 0.30 -3.17
N PRO C 83 -1.89 -0.36 -2.41
CA PRO C 83 -0.45 -0.38 -2.58
C PRO C 83 -0.08 -1.12 -3.86
N PHE C 84 0.99 -0.69 -4.50
CA PHE C 84 1.49 -1.33 -5.71
C PHE C 84 2.58 -2.34 -5.38
N ASN C 85 3.30 -2.10 -4.28
CA ASN C 85 4.42 -2.93 -3.87
C ASN C 85 5.43 -3.12 -5.00
N ASP C 86 5.72 -4.37 -5.35
CA ASP C 86 6.75 -4.63 -6.36
C ASP C 86 6.17 -5.06 -7.69
N GLY C 87 4.87 -4.90 -7.85
CA GLY C 87 4.19 -5.31 -9.08
C GLY C 87 2.81 -5.86 -8.74
N VAL C 88 1.87 -5.68 -9.66
CA VAL C 88 0.49 -6.06 -9.38
C VAL C 88 -0.12 -6.98 -10.43
N TYR C 89 -0.73 -8.05 -9.94
CA TYR C 89 -1.54 -8.91 -10.78
C TYR C 89 -3.00 -8.48 -10.66
N PHE C 90 -3.61 -8.13 -11.78
CA PHE C 90 -4.97 -7.62 -11.78
C PHE C 90 -5.85 -8.46 -12.69
N ALA C 91 -7.05 -8.79 -12.24
CA ALA C 91 -7.97 -9.53 -13.08
C ALA C 91 -9.40 -9.10 -12.83
N SER C 92 -10.22 -9.15 -13.86
CA SER C 92 -11.62 -8.79 -13.72
C SER C 92 -12.52 -9.67 -14.57
N ILE C 93 -13.73 -9.91 -14.07
CA ILE C 93 -14.74 -10.66 -14.80
C ILE C 93 -16.03 -9.86 -14.90
N GLU C 94 -16.48 -9.62 -16.12
CA GLU C 94 -17.72 -8.86 -16.32
C GLU C 94 -18.22 -8.90 -17.77
N LYS C 95 -19.39 -8.29 -17.98
CA LYS C 95 -19.98 -8.16 -19.31
C LYS C 95 -20.18 -6.70 -19.72
N SER C 96 -20.37 -5.83 -18.73
CA SER C 96 -20.83 -4.47 -19.00
C SER C 96 -19.69 -3.48 -19.21
N ASN C 97 -18.45 -3.97 -19.12
CA ASN C 97 -17.29 -3.11 -19.26
C ASN C 97 -17.32 -1.93 -18.30
N ILE C 98 -17.43 -2.22 -17.01
CA ILE C 98 -17.45 -1.18 -15.99
C ILE C 98 -16.04 -0.70 -15.67
N ILE C 99 -15.08 -1.62 -15.60
CA ILE C 99 -13.71 -1.23 -15.27
C ILE C 99 -12.98 -0.77 -16.54
N ARG C 100 -12.67 0.52 -16.61
CA ARG C 100 -12.14 1.07 -17.87
C ARG C 100 -10.77 1.72 -17.76
N GLY C 101 -10.23 1.83 -16.56
CA GLY C 101 -8.91 2.45 -16.45
C GLY C 101 -8.30 2.35 -15.07
N TRP C 102 -7.08 2.85 -14.96
CA TRP C 102 -6.31 2.82 -13.73
C TRP C 102 -5.52 4.11 -13.51
N ILE C 103 -5.29 4.43 -12.24
CA ILE C 103 -4.41 5.52 -11.86
C ILE C 103 -3.21 4.99 -11.09
N PHE C 104 -2.01 5.39 -11.47
CA PHE C 104 -0.81 4.95 -10.77
C PHE C 104 0.04 6.14 -10.33
N GLY C 105 0.48 6.13 -9.08
CA GLY C 105 1.31 7.24 -8.61
C GLY C 105 1.71 7.10 -7.14
N THR C 106 2.03 8.23 -6.53
CA THR C 106 2.45 8.27 -5.13
C THR C 106 1.41 8.96 -4.26
N THR C 107 1.40 10.28 -4.31
CA THR C 107 0.49 11.07 -3.52
C THR C 107 -0.84 11.27 -4.24
N LEU C 108 -0.84 11.02 -5.54
CA LEU C 108 -2.05 11.09 -6.34
C LEU C 108 -2.72 12.45 -6.21
N ASP C 109 -1.91 13.50 -6.28
CA ASP C 109 -2.38 14.87 -6.24
C ASP C 109 -1.47 15.76 -7.08
N SER C 110 -1.73 17.06 -7.04
CA SER C 110 -1.04 18.02 -7.90
C SER C 110 0.46 18.16 -7.61
N LYS C 111 0.95 17.52 -6.55
CA LYS C 111 2.35 17.66 -6.20
C LYS C 111 3.29 16.77 -7.01
N THR C 112 2.79 15.68 -7.59
CA THR C 112 3.67 14.77 -8.32
C THR C 112 3.08 14.32 -9.66
N GLN C 113 3.94 13.80 -10.53
CA GLN C 113 3.48 13.24 -11.79
C GLN C 113 2.77 11.92 -11.56
N SER C 114 1.66 11.71 -12.24
CA SER C 114 0.91 10.45 -12.13
C SER C 114 0.54 9.91 -13.50
N LEU C 115 0.39 8.60 -13.57
CA LEU C 115 0.04 7.91 -14.80
C LEU C 115 -1.43 7.57 -14.87
N LEU C 116 -2.09 8.06 -15.91
CA LEU C 116 -3.50 7.80 -16.12
C LEU C 116 -3.74 6.97 -17.39
N ILE C 117 -4.30 5.78 -17.22
CA ILE C 117 -4.61 4.91 -18.35
C ILE C 117 -6.11 4.72 -18.48
N VAL C 118 -6.69 5.27 -19.55
CA VAL C 118 -8.13 5.17 -19.73
C VAL C 118 -8.51 4.66 -21.11
N ASN C 119 -9.35 3.64 -21.13
CA ASN C 119 -9.88 3.08 -22.37
C ASN C 119 -11.25 3.65 -22.68
N ASN C 120 -11.58 3.77 -23.98
CA ASN C 120 -12.92 4.13 -24.42
C ASN C 120 -13.31 3.34 -25.67
N ALA C 121 -14.42 3.70 -26.31
CA ALA C 121 -15.00 2.96 -27.41
C ALA C 121 -14.09 2.80 -28.62
N THR C 122 -13.22 3.78 -28.86
CA THR C 122 -12.44 3.75 -30.10
C THR C 122 -10.93 3.61 -29.88
N ASN C 123 -10.44 4.03 -28.73
CA ASN C 123 -8.99 4.05 -28.49
C ASN C 123 -8.63 3.97 -27.00
N VAL C 124 -7.33 3.96 -26.73
CA VAL C 124 -6.83 4.05 -25.36
C VAL C 124 -5.88 5.24 -25.24
N VAL C 125 -6.08 6.04 -24.20
CA VAL C 125 -5.24 7.21 -23.99
C VAL C 125 -4.41 7.07 -22.72
N ILE C 126 -3.10 7.13 -22.90
CA ILE C 126 -2.19 7.05 -21.78
C ILE C 126 -1.38 8.32 -21.65
N LYS C 127 -1.46 8.96 -20.51
CA LYS C 127 -0.73 10.21 -20.32
C LYS C 127 -0.21 10.37 -18.90
N VAL C 128 0.94 11.03 -18.79
CA VAL C 128 1.54 11.27 -17.49
C VAL C 128 1.65 12.75 -17.24
N CYS C 129 0.97 13.24 -16.19
CA CYS C 129 0.83 14.62 -15.92
C CYS C 129 0.69 14.86 -14.37
N GLU C 130 0.83 16.09 -13.94
CA GLU C 130 0.53 16.40 -12.55
C GLU C 130 -0.97 16.64 -12.41
N PHE C 131 -1.69 15.55 -12.17
CA PHE C 131 -3.14 15.60 -12.06
C PHE C 131 -3.58 15.87 -10.64
N GLN C 132 -4.58 16.73 -10.48
CA GLN C 132 -5.23 16.88 -9.19
C GLN C 132 -6.47 16.00 -9.17
N PHE C 133 -6.31 14.78 -8.66
CA PHE C 133 -7.35 13.77 -8.75
C PHE C 133 -8.48 14.03 -7.78
N CYS C 134 -9.69 13.60 -8.14
CA CYS C 134 -10.89 13.70 -7.31
C CYS C 134 -10.81 12.74 -6.12
N ASN C 135 -11.58 13.03 -5.08
CA ASN C 135 -11.61 12.18 -3.89
C ASN C 135 -12.15 10.80 -4.22
N ASP C 136 -13.00 10.75 -5.25
CA ASP C 136 -13.61 9.51 -5.68
C ASP C 136 -13.88 9.58 -7.19
N PRO C 137 -12.85 9.40 -8.02
CA PRO C 137 -12.80 9.65 -9.45
C PRO C 137 -13.58 8.59 -10.22
N PHE C 138 -14.23 9.00 -11.30
CA PHE C 138 -14.94 8.05 -12.16
C PHE C 138 -15.21 8.61 -13.54
N LEU C 139 -15.61 7.75 -14.46
CA LEU C 139 -16.02 8.17 -15.80
C LEU C 139 -17.54 8.18 -15.88
N ASP C 140 -18.10 9.09 -16.68
CA ASP C 140 -19.56 9.19 -16.81
C ASP C 140 -19.97 9.45 -18.26
N HIS C 141 -20.22 8.37 -19.01
CA HIS C 141 -20.61 8.50 -20.40
C HIS C 141 -22.09 8.77 -20.59
N LYS C 142 -22.48 10.02 -20.38
CA LYS C 142 -23.84 10.52 -20.59
C LYS C 142 -24.31 10.26 -22.03
N GLU C 151 -17.65 11.51 -20.44
CA GLU C 151 -16.98 12.63 -19.81
C GLU C 151 -16.08 12.17 -18.67
N PHE C 152 -15.01 12.93 -18.40
CA PHE C 152 -14.06 12.63 -17.34
C PHE C 152 -14.33 13.42 -16.09
N ARG C 153 -14.54 12.70 -14.99
CA ARG C 153 -14.66 13.29 -13.66
C ARG C 153 -13.63 12.61 -12.79
N VAL C 154 -12.45 12.43 -13.38
CA VAL C 154 -11.33 11.74 -12.76
C VAL C 154 -10.46 12.74 -12.01
N TYR C 155 -10.26 13.89 -12.63
CA TYR C 155 -9.45 14.96 -12.05
C TYR C 155 -10.10 16.30 -12.32
N SER C 156 -9.77 17.28 -11.48
CA SER C 156 -10.33 18.62 -11.63
C SER C 156 -9.47 19.49 -12.53
N SER C 157 -8.17 19.18 -12.55
CA SER C 157 -7.20 19.95 -13.33
C SER C 157 -5.94 19.14 -13.57
N ALA C 158 -5.13 19.59 -14.52
CA ALA C 158 -3.83 18.97 -14.78
C ALA C 158 -2.83 20.02 -15.26
N ASN C 159 -1.56 19.83 -14.90
CA ASN C 159 -0.51 20.72 -15.35
C ASN C 159 0.38 20.04 -16.38
N ASN C 160 1.63 20.46 -16.56
CA ASN C 160 2.51 20.14 -17.62
C ASN C 160 2.86 18.60 -17.65
N CYS C 161 2.45 17.98 -18.77
CA CYS C 161 2.62 16.54 -19.01
C CYS C 161 4.02 16.19 -19.51
N THR C 162 4.46 14.97 -19.22
CA THR C 162 5.76 14.49 -19.67
C THR C 162 5.67 13.36 -20.69
N PHE C 163 4.53 12.69 -20.74
CA PHE C 163 4.38 11.53 -21.62
C PHE C 163 2.98 11.42 -22.20
N GLU C 164 2.91 11.12 -23.51
CA GLU C 164 1.63 10.89 -24.18
C GLU C 164 1.72 9.69 -25.12
N TYR C 165 0.70 8.85 -25.10
CA TYR C 165 0.64 7.67 -25.96
C TYR C 165 -0.80 7.31 -26.31
N VAL C 166 -1.05 7.06 -27.59
CA VAL C 166 -2.38 6.66 -28.03
C VAL C 166 -2.31 5.44 -28.95
N SER C 167 -3.13 4.43 -28.65
CA SER C 167 -3.19 3.24 -29.47
C SER C 167 -4.58 2.60 -29.41
N GLN C 168 -4.66 1.32 -29.78
CA GLN C 168 -5.93 0.61 -29.79
C GLN C 168 -6.32 0.19 -28.37
N PRO C 169 -7.61 0.02 -28.08
CA PRO C 169 -8.15 -0.33 -26.78
C PRO C 169 -7.52 -1.59 -26.20
N PHE C 170 -7.23 -1.56 -24.91
CA PHE C 170 -6.67 -2.72 -24.21
C PHE C 170 -7.75 -3.76 -23.88
N LEU C 171 -8.95 -3.27 -23.59
CA LEU C 171 -10.06 -4.10 -23.12
C LEU C 171 -10.87 -4.66 -24.28
N PHE C 181 -21.93 -16.23 -21.26
CA PHE C 181 -20.46 -16.30 -21.01
C PHE C 181 -19.93 -14.90 -20.67
N LYS C 182 -18.92 -14.83 -19.79
CA LYS C 182 -18.40 -13.54 -19.35
C LYS C 182 -17.00 -13.33 -19.89
N ASN C 183 -16.53 -12.08 -19.90
CA ASN C 183 -15.19 -11.77 -20.36
C ASN C 183 -14.21 -11.74 -19.20
N LEU C 184 -13.19 -12.59 -19.27
CA LEU C 184 -12.14 -12.61 -18.27
C LEU C 184 -10.91 -11.90 -18.78
N ARG C 185 -10.57 -10.79 -18.13
CA ARG C 185 -9.42 -10.00 -18.54
C ARG C 185 -8.36 -9.99 -17.45
N GLU C 186 -7.15 -10.35 -17.83
CA GLU C 186 -6.05 -10.41 -16.87
C GLU C 186 -4.90 -9.53 -17.31
N PHE C 187 -4.32 -8.81 -16.35
CA PHE C 187 -3.20 -7.91 -16.60
C PHE C 187 -2.09 -8.08 -15.56
N VAL C 188 -0.86 -7.84 -16.00
CA VAL C 188 0.26 -7.74 -15.07
C VAL C 188 0.95 -6.40 -15.23
N PHE C 189 1.05 -5.67 -14.13
CA PHE C 189 1.66 -4.35 -14.14
C PHE C 189 2.99 -4.33 -13.42
N LYS C 190 4.07 -4.08 -14.16
CA LYS C 190 5.41 -4.03 -13.58
C LYS C 190 6.04 -2.66 -13.84
N ASN C 191 6.89 -2.21 -12.92
CA ASN C 191 7.57 -0.94 -13.09
C ASN C 191 9.06 -1.07 -12.81
N ILE C 192 9.82 -1.36 -13.87
CA ILE C 192 11.24 -1.66 -13.72
C ILE C 192 12.13 -0.73 -14.53
N ASP C 193 13.05 -0.05 -13.84
CA ASP C 193 13.99 0.85 -14.47
C ASP C 193 13.31 1.91 -15.32
N GLY C 194 12.17 2.39 -14.84
CA GLY C 194 11.44 3.45 -15.50
C GLY C 194 10.43 2.96 -16.51
N TYR C 195 10.47 1.67 -16.82
CA TYR C 195 9.55 1.12 -17.81
C TYR C 195 8.31 0.52 -17.17
N PHE C 196 7.15 0.98 -17.60
CA PHE C 196 5.90 0.42 -17.13
C PHE C 196 5.45 -0.64 -18.12
N LYS C 197 5.60 -1.89 -17.73
CA LYS C 197 5.35 -3.01 -18.62
C LYS C 197 4.00 -3.62 -18.36
N ILE C 198 3.20 -3.73 -19.41
CA ILE C 198 1.87 -4.31 -19.28
C ILE C 198 1.77 -5.60 -20.08
N TYR C 199 1.36 -6.67 -19.42
CA TYR C 199 1.06 -7.93 -20.08
C TYR C 199 -0.44 -8.15 -19.98
N SER C 200 -1.03 -8.83 -20.95
CA SER C 200 -2.46 -9.06 -20.87
C SER C 200 -2.93 -10.30 -21.60
N LYS C 201 -4.08 -10.80 -21.19
CA LYS C 201 -4.76 -11.91 -21.86
C LYS C 201 -6.27 -11.76 -21.74
N HIS C 202 -6.99 -12.08 -22.81
CA HIS C 202 -8.44 -12.04 -22.79
C HIS C 202 -9.05 -13.36 -23.27
N THR C 203 -9.83 -14.00 -22.41
CA THR C 203 -10.52 -15.23 -22.76
C THR C 203 -11.97 -15.17 -22.29
N PRO C 204 -12.89 -15.84 -23.00
CA PRO C 204 -14.25 -16.08 -22.59
C PRO C 204 -14.27 -17.20 -21.56
N ILE C 205 -15.11 -17.05 -20.53
CA ILE C 205 -15.23 -18.13 -19.55
C ILE C 205 -16.68 -18.48 -19.30
N ILE C 206 -16.90 -19.73 -18.91
CA ILE C 206 -18.23 -20.16 -18.55
C ILE C 206 -18.56 -19.64 -17.15
N VAL C 207 -19.82 -19.34 -16.94
CA VAL C 207 -20.27 -18.81 -15.67
C VAL C 207 -20.50 -19.91 -14.65
N ARG C 208 -19.82 -19.78 -13.52
CA ARG C 208 -19.96 -20.74 -12.40
C ARG C 208 -20.60 -20.02 -11.23
N GLU C 209 -21.44 -20.74 -10.48
CA GLU C 209 -22.17 -20.10 -9.38
C GLU C 209 -21.29 -19.48 -8.30
N PRO C 210 -20.21 -20.13 -7.83
CA PRO C 210 -19.31 -19.63 -6.81
C PRO C 210 -18.68 -18.32 -7.22
N GLU C 211 -18.62 -18.06 -8.52
CA GLU C 211 -18.10 -16.80 -9.04
C GLU C 211 -16.65 -16.56 -8.57
N ASP C 212 -15.85 -17.64 -8.67
CA ASP C 212 -14.43 -17.70 -8.31
C ASP C 212 -13.54 -17.67 -9.54
N LEU C 213 -12.24 -17.76 -9.31
CA LEU C 213 -11.23 -17.87 -10.36
C LEU C 213 -11.24 -19.28 -10.96
N PRO C 214 -11.27 -19.38 -12.28
CA PRO C 214 -11.28 -20.62 -13.03
C PRO C 214 -9.92 -21.29 -12.97
N GLN C 215 -9.92 -22.62 -13.06
CA GLN C 215 -8.70 -23.40 -13.10
C GLN C 215 -8.23 -23.59 -14.54
N GLY C 216 -6.94 -23.85 -14.71
CA GLY C 216 -6.39 -24.05 -16.04
C GLY C 216 -5.16 -23.17 -16.24
N PHE C 217 -4.43 -23.40 -17.32
CA PHE C 217 -3.21 -22.64 -17.55
C PHE C 217 -3.31 -21.77 -18.80
N SER C 218 -3.08 -20.47 -18.62
CA SER C 218 -3.08 -19.54 -19.74
C SER C 218 -2.00 -18.48 -19.54
N ALA C 219 -1.08 -18.39 -20.49
CA ALA C 219 0.04 -17.46 -20.39
C ALA C 219 -0.33 -16.09 -20.93
N LEU C 220 0.21 -15.04 -20.31
CA LEU C 220 -0.05 -13.66 -20.73
C LEU C 220 1.02 -13.12 -21.64
N GLU C 221 0.60 -12.63 -22.80
CA GLU C 221 1.51 -12.04 -23.77
C GLU C 221 1.70 -10.55 -23.46
N PRO C 222 2.85 -9.98 -23.81
CA PRO C 222 3.18 -8.57 -23.66
C PRO C 222 2.27 -7.71 -24.51
N LEU C 223 1.84 -6.59 -23.96
CA LEU C 223 0.93 -5.67 -24.64
C LEU C 223 1.63 -4.38 -25.04
N VAL C 224 2.23 -3.70 -24.05
CA VAL C 224 2.88 -2.43 -24.30
C VAL C 224 3.97 -2.16 -23.26
N ASP C 225 5.01 -1.44 -23.67
CA ASP C 225 6.11 -1.09 -22.76
C ASP C 225 6.34 0.41 -22.81
N LEU C 226 5.95 1.11 -21.75
CA LEU C 226 5.94 2.57 -21.72
C LEU C 226 7.14 3.16 -20.99
N PRO C 227 7.98 3.94 -21.66
CA PRO C 227 9.17 4.61 -21.15
C PRO C 227 8.80 5.88 -20.40
N ILE C 228 8.23 5.70 -19.21
CA ILE C 228 7.69 6.82 -18.45
C ILE C 228 8.66 7.41 -17.44
N GLY C 229 9.27 6.56 -16.62
CA GLY C 229 10.25 7.01 -15.62
C GLY C 229 9.67 7.68 -14.36
N ILE C 230 8.58 7.14 -13.80
CA ILE C 230 8.01 7.68 -12.55
C ILE C 230 7.93 6.58 -11.46
N ASN C 231 7.77 7.00 -10.18
CA ASN C 231 7.73 6.16 -8.99
C ASN C 231 6.26 5.80 -8.62
N ILE C 232 5.85 4.55 -8.90
CA ILE C 232 4.48 4.08 -8.58
C ILE C 232 4.46 3.29 -7.30
N THR C 233 3.67 3.75 -6.33
CA THR C 233 3.59 3.10 -5.02
C THR C 233 2.15 2.78 -4.65
N ARG C 234 1.22 3.44 -5.33
CA ARG C 234 -0.20 3.27 -5.11
C ARG C 234 -0.92 3.21 -6.43
N PHE C 235 -2.07 2.55 -6.46
CA PHE C 235 -2.91 2.60 -7.64
C PHE C 235 -4.38 2.51 -7.27
N GLN C 236 -5.22 2.97 -8.18
CA GLN C 236 -6.67 2.94 -7.97
C GLN C 236 -7.39 2.56 -9.25
N THR C 237 -8.49 1.81 -9.11
CA THR C 237 -9.25 1.35 -10.27
C THR C 237 -10.36 2.33 -10.61
N LEU C 238 -10.46 2.68 -11.89
CA LEU C 238 -11.51 3.59 -12.35
C LEU C 238 -12.70 2.85 -12.92
N LEU C 239 -13.86 3.12 -12.34
CA LEU C 239 -15.12 2.52 -12.74
C LEU C 239 -15.94 3.52 -13.55
N ALA C 240 -16.65 3.03 -14.56
CA ALA C 240 -17.54 3.87 -15.34
C ALA C 240 -18.98 3.68 -14.92
N LEU C 241 -19.69 4.79 -14.73
CA LEU C 241 -21.09 4.77 -14.36
C LEU C 241 -21.98 5.22 -15.50
N HIS C 242 -23.27 4.88 -15.42
CA HIS C 242 -24.26 5.27 -16.42
C HIS C 242 -25.65 5.28 -15.78
N GLY C 258 -24.61 -2.03 -13.53
CA GLY C 258 -24.40 -3.46 -13.71
C GLY C 258 -23.55 -4.05 -12.58
N ALA C 259 -23.12 -5.30 -12.75
CA ALA C 259 -22.30 -6.00 -11.76
C ALA C 259 -20.96 -6.39 -12.35
N ALA C 260 -19.92 -6.31 -11.53
CA ALA C 260 -18.57 -6.69 -11.92
C ALA C 260 -17.74 -7.02 -10.69
N ALA C 261 -16.64 -7.75 -10.88
CA ALA C 261 -15.73 -8.00 -9.78
C ALA C 261 -14.29 -8.04 -10.27
N TYR C 262 -13.36 -7.72 -9.38
CA TYR C 262 -11.95 -7.79 -9.74
C TYR C 262 -11.07 -8.28 -8.60
N TYR C 263 -9.88 -8.74 -8.96
CA TYR C 263 -8.97 -9.38 -8.04
C TYR C 263 -7.60 -8.73 -8.08
N VAL C 264 -6.96 -8.62 -6.92
CA VAL C 264 -5.62 -8.04 -6.85
C VAL C 264 -4.62 -8.93 -6.10
N GLY C 265 -3.50 -9.23 -6.75
CA GLY C 265 -2.44 -10.01 -6.12
C GLY C 265 -1.10 -9.30 -6.29
N TYR C 266 -0.08 -9.76 -5.58
CA TYR C 266 1.23 -9.11 -5.65
C TYR C 266 2.32 -10.09 -6.06
N LEU C 267 3.24 -9.62 -6.89
CA LEU C 267 4.28 -10.46 -7.47
C LEU C 267 5.45 -10.63 -6.51
N GLN C 268 6.14 -11.76 -6.63
CA GLN C 268 7.34 -12.03 -5.85
C GLN C 268 8.45 -12.58 -6.74
N PRO C 269 9.72 -12.35 -6.38
CA PRO C 269 10.92 -12.86 -7.02
C PRO C 269 11.07 -14.36 -6.80
N ARG C 270 10.72 -15.14 -7.81
CA ARG C 270 10.71 -16.59 -7.72
C ARG C 270 11.26 -17.25 -8.97
N THR C 271 11.65 -18.51 -8.84
CA THR C 271 12.19 -19.26 -9.97
C THR C 271 11.15 -20.20 -10.54
N PHE C 272 10.96 -20.12 -11.85
CA PHE C 272 10.00 -20.97 -12.55
C PHE C 272 10.59 -21.77 -13.69
N LEU C 273 10.09 -22.98 -13.87
CA LEU C 273 10.40 -23.80 -15.03
C LEU C 273 9.21 -23.77 -16.00
N LEU C 274 9.43 -23.24 -17.19
CA LEU C 274 8.35 -23.05 -18.16
C LEU C 274 8.44 -24.06 -19.30
N LYS C 275 7.32 -24.70 -19.62
CA LYS C 275 7.30 -25.69 -20.70
C LYS C 275 6.77 -25.12 -21.99
N TYR C 276 7.62 -25.06 -23.01
CA TYR C 276 7.25 -24.59 -24.33
C TYR C 276 6.92 -25.75 -25.24
N ASN C 277 5.76 -25.72 -25.88
CA ASN C 277 5.35 -26.81 -26.77
C ASN C 277 5.93 -26.59 -28.18
N GLU C 278 5.40 -27.35 -29.14
CA GLU C 278 5.91 -27.32 -30.53
C GLU C 278 5.77 -25.93 -31.17
N ASN C 279 4.73 -25.17 -30.82
CA ASN C 279 4.43 -23.87 -31.34
C ASN C 279 4.86 -22.75 -30.37
N GLY C 280 5.91 -22.99 -29.58
CA GLY C 280 6.48 -22.00 -28.67
C GLY C 280 5.47 -21.42 -27.69
N THR C 281 4.42 -22.16 -27.38
CA THR C 281 3.43 -21.69 -26.44
C THR C 281 3.67 -22.30 -25.07
N ILE C 282 3.61 -21.48 -24.02
CA ILE C 282 3.79 -22.01 -22.68
C ILE C 282 2.50 -22.69 -22.26
N THR C 283 2.62 -23.95 -21.88
CA THR C 283 1.44 -24.75 -21.55
C THR C 283 1.40 -25.17 -20.09
N ASP C 284 2.54 -25.04 -19.42
CA ASP C 284 2.64 -25.43 -18.01
C ASP C 284 3.83 -24.75 -17.35
N ALA C 285 3.86 -24.75 -16.02
CA ALA C 285 4.98 -24.17 -15.28
C ALA C 285 5.11 -24.76 -13.89
N VAL C 286 6.33 -24.73 -13.35
CA VAL C 286 6.58 -25.18 -11.98
C VAL C 286 7.17 -24.07 -11.11
N ASP C 287 6.54 -23.84 -9.97
CA ASP C 287 7.05 -22.89 -8.98
C ASP C 287 8.06 -23.59 -8.08
N CYS C 288 9.33 -23.31 -8.23
CA CYS C 288 10.44 -24.05 -7.66
C CYS C 288 10.57 -23.76 -6.16
N ALA C 289 9.74 -22.87 -5.65
CA ALA C 289 9.78 -22.51 -4.24
C ALA C 289 8.44 -22.71 -3.57
N LEU C 290 7.60 -23.58 -4.14
CA LEU C 290 6.29 -23.88 -3.57
C LEU C 290 6.36 -24.98 -2.53
N ASP C 291 6.94 -26.11 -2.90
CA ASP C 291 7.02 -27.27 -2.01
C ASP C 291 8.18 -28.18 -2.46
N PRO C 292 8.59 -29.16 -1.64
CA PRO C 292 9.67 -30.11 -1.89
C PRO C 292 9.52 -30.94 -3.16
N LEU C 293 8.29 -31.09 -3.64
CA LEU C 293 8.10 -31.88 -4.85
C LEU C 293 8.45 -31.06 -6.07
N SER C 294 8.02 -29.80 -6.05
CA SER C 294 8.35 -28.88 -7.13
C SER C 294 9.85 -28.63 -7.20
N GLU C 295 10.48 -28.58 -6.03
CA GLU C 295 11.92 -28.38 -5.96
C GLU C 295 12.66 -29.49 -6.70
N THR C 296 12.25 -30.73 -6.47
CA THR C 296 12.85 -31.86 -7.17
C THR C 296 12.59 -31.80 -8.66
N LYS C 297 11.35 -31.46 -9.04
CA LYS C 297 11.01 -31.37 -10.46
C LYS C 297 11.88 -30.34 -11.19
N CYS C 298 12.14 -29.20 -10.55
CA CYS C 298 12.97 -28.15 -11.11
C CYS C 298 14.43 -28.59 -11.25
N THR C 299 14.94 -29.25 -10.22
CA THR C 299 16.31 -29.74 -10.23
C THR C 299 16.56 -30.72 -11.37
N LEU C 300 15.60 -31.62 -11.58
CA LEU C 300 15.73 -32.65 -12.60
C LEU C 300 15.16 -32.21 -13.94
N LYS C 301 14.67 -30.97 -14.02
CA LYS C 301 14.08 -30.45 -15.25
C LYS C 301 13.03 -31.39 -15.83
N SER C 302 12.08 -31.80 -15.01
CA SER C 302 11.04 -32.72 -15.47
C SER C 302 9.70 -32.47 -14.79
N PHE C 303 8.64 -32.44 -15.59
CA PHE C 303 7.29 -32.19 -15.03
C PHE C 303 6.72 -33.52 -14.51
C1 NAG D . 5.76 22.82 -14.93
C2 NAG D . 4.66 23.60 -14.12
C3 NAG D . 5.29 24.14 -12.82
C4 NAG D . 5.84 22.94 -12.00
C5 NAG D . 6.88 22.20 -12.87
C6 NAG D . 7.45 20.99 -12.13
C7 NAG D . 2.89 24.98 -15.05
C8 NAG D . 2.41 26.11 -15.90
N2 NAG D . 4.20 24.71 -14.95
O3 NAG D . 4.30 24.83 -12.05
O4 NAG D . 6.44 23.45 -10.82
O5 NAG D . 6.28 21.73 -14.12
O6 NAG D . 8.68 20.59 -12.71
O7 NAG D . 2.07 24.28 -14.45
C1 NAG E . 0.94 -26.40 -33.39
C2 NAG E . 0.03 -27.41 -32.62
C3 NAG E . -0.66 -28.34 -33.63
C4 NAG E . -1.49 -27.47 -34.61
C5 NAG E . -0.55 -26.47 -35.32
C6 NAG E . -1.32 -25.56 -36.25
C7 NAG E . 0.66 -28.16 -30.40
C8 NAG E . 1.51 -28.99 -29.47
N2 NAG E . 0.86 -28.20 -31.71
O3 NAG E . -1.52 -29.25 -32.94
O4 NAG E . -2.12 -28.33 -35.56
O5 NAG E . 0.12 -25.64 -34.31
O6 NAG E . -0.45 -24.70 -36.97
O7 NAG E . -0.25 -27.46 -29.92
C1 NAG F . -16.94 17.05 -3.30
C2 NAG F . -17.87 18.26 -3.68
C3 NAG F . -17.00 19.49 -3.92
C4 NAG F . -16.14 19.78 -2.68
C5 NAG F . -15.29 18.53 -2.35
C6 NAG F . -14.42 18.73 -1.11
C7 NAG F . -19.88 18.17 -5.05
C8 NAG F . -20.59 17.86 -6.33
N2 NAG F . -18.58 17.93 -4.92
O3 NAG F . -17.84 20.61 -4.22
O4 NAG F . -15.32 20.91 -2.93
O5 NAG F . -16.15 17.37 -2.12
O6 NAG F . -13.40 17.75 -1.06
O7 NAG F . -20.52 18.67 -4.11
C1 NAG G . 12.00 7.06 -6.63
C2 NAG G . 12.42 8.54 -6.29
C3 NAG G . 13.96 8.57 -6.21
C4 NAG G . 14.43 7.61 -5.12
C5 NAG G . 13.94 6.19 -5.46
C6 NAG G . 14.35 5.21 -4.39
C7 NAG G . 11.28 10.53 -7.08
C8 NAG G . 10.85 11.46 -8.19
N2 NAG G . 11.98 9.43 -7.37
O3 NAG G . 14.40 9.89 -5.88
O4 NAG G . 15.85 7.62 -5.03
O5 NAG G . 12.48 6.19 -5.58
O6 NAG G . 13.82 5.56 -3.12
O7 NAG G . 11.01 10.82 -5.92
C1 NAG H . -4.08 -17.76 2.99
C2 NAG H . -5.55 -18.22 3.31
C3 NAG H . -5.48 -19.39 4.32
C4 NAG H . -4.66 -20.55 3.68
C5 NAG H . -3.24 -20.02 3.35
C6 NAG H . -2.38 -21.08 2.68
C7 NAG H . -7.48 -16.78 3.62
C8 NAG H . -8.15 -15.60 4.25
N2 NAG H . -6.22 -17.07 3.92
O3 NAG H . -6.81 -19.86 4.59
O4 NAG H . -4.58 -21.62 4.62
O5 NAG H . -3.32 -18.88 2.42
O6 NAG H . -1.00 -20.77 2.83
O7 NAG H . -8.12 -17.48 2.83
C1 NAG I . -11.91 8.23 -27.19
C2 NAG I . -13.03 9.18 -27.73
C3 NAG I . -12.50 9.94 -28.97
C4 NAG I . -11.24 10.73 -28.58
C5 NAG I . -10.19 9.75 -28.03
C6 NAG I . -8.92 10.46 -27.61
C7 NAG I . -15.39 8.57 -27.61
C8 NAG I . -16.55 7.73 -28.04
N2 NAG I . -14.19 8.37 -28.14
O3 NAG I . -13.51 10.85 -29.44
O4 NAG I . -10.73 11.40 -29.73
O5 NAG I . -10.74 9.02 -26.86
O6 NAG I . -9.14 11.31 -26.49
O7 NAG I . -15.55 9.45 -26.76
#